data_1T80
#
_entry.id   1T80
#
_cell.length_a   122.545
_cell.length_b   122.545
_cell.length_c   65.445
_cell.angle_alpha   90.00
_cell.angle_beta   90.00
_cell.angle_gamma   90.00
#
_symmetry.space_group_name_H-M   'P 43 21 2'
#
loop_
_entity.id
_entity.type
_entity.pdbx_description
1 polymer Zinc-alpha-2-glycoprotein
2 branched 2-acetamido-2-deoxy-beta-D-glucopyranose-(1-4)-2-acetamido-2-deoxy-beta-D-glucopyranose
3 non-polymer 2-acetamido-2-deoxy-beta-D-glucopyranose
4 water water
#
_entity_poly.entity_id   1
_entity_poly.type   'polypeptide(L)'
_entity_poly.pdbx_seq_one_letter_code
;QENQDGRYSLTYIYTGLSKHVEDVPAFQALGSLNDLQFFRYNSKDRKSQPMGLWRQVEGMEDWKQDSQLQKAREDIFMET
LKDIVEYYKDSTGSHVLQGRFGCEIENNRSSGAFWKYYYDGKDYIEFNKEIPAWVPFDPAAQITKQKWEAEPVYVQRAKA
YLEEECPATLRKYLKYSKNILDRQDPPSVVVTSHQAPGEKKKLKCLAYDFYPGKIDVHWTRAGEVQEPELRGDVLHNGNG
TYQSWVVVAVPPQDTAPYSCHVQHSSLAQPLVVPWEAS
;
_entity_poly.pdbx_strand_id   A
#
loop_
_chem_comp.id
_chem_comp.type
_chem_comp.name
_chem_comp.formula
NAG D-saccharide, beta linking 2-acetamido-2-deoxy-beta-D-glucopyranose 'C8 H15 N O6'
#
# COMPACT_ATOMS: atom_id res chain seq x y z
N ASP A 5 -13.91 2.41 17.02
CA ASP A 5 -12.92 2.77 15.95
C ASP A 5 -11.86 1.70 15.84
N GLY A 6 -11.27 1.58 14.65
CA GLY A 6 -10.24 0.59 14.42
C GLY A 6 -8.88 1.21 14.13
N ARG A 7 -8.07 0.49 13.36
CA ARG A 7 -6.74 0.93 13.00
C ARG A 7 -6.69 1.56 11.61
N TYR A 8 -6.14 2.77 11.52
CA TYR A 8 -6.01 3.45 10.24
C TYR A 8 -4.59 3.99 10.12
N SER A 9 -4.01 3.85 8.94
CA SER A 9 -2.66 4.32 8.72
C SER A 9 -2.53 5.14 7.44
N LEU A 10 -1.75 6.21 7.52
CA LEU A 10 -1.50 7.08 6.37
C LEU A 10 -0.01 6.93 6.11
N THR A 11 0.34 6.48 4.92
CA THR A 11 1.74 6.26 4.56
C THR A 11 2.14 6.87 3.23
N TYR A 12 3.30 7.54 3.22
CA TYR A 12 3.82 8.15 2.02
C TYR A 12 5.18 7.55 1.69
N ILE A 13 5.44 7.32 0.40
CA ILE A 13 6.73 6.79 -0.02
C ILE A 13 7.26 7.61 -1.20
N TYR A 14 8.46 8.17 -1.02
CA TYR A 14 9.14 8.97 -2.05
C TYR A 14 10.33 8.20 -2.60
N THR A 15 10.52 8.25 -3.91
CA THR A 15 11.63 7.56 -4.57
C THR A 15 12.31 8.50 -5.56
N GLY A 16 13.61 8.68 -5.39
CA GLY A 16 14.36 9.56 -6.26
C GLY A 16 15.55 8.81 -6.85
N LEU A 17 15.84 9.07 -8.12
CA LEU A 17 16.95 8.44 -8.83
C LEU A 17 17.92 9.53 -9.26
N SER A 18 19.21 9.36 -8.98
CA SER A 18 20.18 10.39 -9.35
C SER A 18 20.43 10.45 -10.85
N LYS A 19 20.28 9.31 -11.53
CA LYS A 19 20.47 9.25 -12.97
C LYS A 19 19.41 8.32 -13.57
N HIS A 20 18.22 8.87 -13.77
CA HIS A 20 17.11 8.07 -14.29
C HIS A 20 17.29 7.74 -15.77
N VAL A 21 16.82 6.57 -16.16
CA VAL A 21 16.91 6.14 -17.54
C VAL A 21 15.63 6.54 -18.25
N GLU A 22 15.63 6.41 -19.57
CA GLU A 22 14.47 6.76 -20.41
C GLU A 22 13.15 6.19 -19.91
N ASP A 23 12.13 7.03 -19.83
CA ASP A 23 10.79 6.61 -19.41
C ASP A 23 10.61 6.32 -17.93
N VAL A 24 11.62 6.58 -17.12
CA VAL A 24 11.49 6.38 -15.69
C VAL A 24 11.68 7.75 -15.05
N PRO A 25 10.64 8.26 -14.37
CA PRO A 25 10.74 9.57 -13.74
C PRO A 25 11.80 9.59 -12.64
N ALA A 26 12.53 10.69 -12.54
CA ALA A 26 13.57 10.82 -11.54
C ALA A 26 13.00 10.76 -10.12
N PHE A 27 11.79 11.30 -9.96
CA PHE A 27 11.15 11.33 -8.64
C PHE A 27 9.72 10.85 -8.71
N GLN A 28 9.36 9.94 -7.80
CA GLN A 28 8.02 9.39 -7.75
C GLN A 28 7.53 9.39 -6.30
N ALA A 29 6.23 9.58 -6.13
CA ALA A 29 5.62 9.61 -4.81
C ALA A 29 4.28 8.91 -4.82
N LEU A 30 3.95 8.27 -3.71
CA LEU A 30 2.67 7.61 -3.61
C LEU A 30 2.21 7.66 -2.17
N GLY A 31 0.91 7.50 -1.97
CA GLY A 31 0.35 7.54 -0.63
C GLY A 31 -0.71 6.48 -0.46
N SER A 32 -0.74 5.86 0.71
CA SER A 32 -1.71 4.81 1.00
C SER A 32 -2.46 5.04 2.29
N LEU A 33 -3.71 4.56 2.31
CA LEU A 33 -4.57 4.61 3.47
C LEU A 33 -4.85 3.13 3.69
N ASN A 34 -4.34 2.59 4.78
CA ASN A 34 -4.48 1.17 5.06
C ASN A 34 -3.87 0.39 3.89
N ASP A 35 -4.64 -0.54 3.32
CA ASP A 35 -4.15 -1.36 2.22
C ASP A 35 -4.33 -0.81 0.81
N LEU A 36 -4.86 0.41 0.70
CA LEU A 36 -5.11 1.01 -0.60
C LEU A 36 -4.30 2.26 -0.92
N GLN A 37 -3.93 2.41 -2.19
CA GLN A 37 -3.17 3.59 -2.63
C GLN A 37 -4.20 4.64 -3.06
N PHE A 38 -4.08 5.85 -2.53
CA PHE A 38 -5.03 6.90 -2.86
C PHE A 38 -4.50 8.01 -3.76
N PHE A 39 -3.19 8.06 -4.00
CA PHE A 39 -2.64 9.09 -4.86
C PHE A 39 -1.24 8.78 -5.34
N ARG A 40 -0.79 9.51 -6.36
CA ARG A 40 0.54 9.33 -6.90
C ARG A 40 0.97 10.66 -7.52
N TYR A 41 2.26 10.79 -7.75
CA TYR A 41 2.84 11.99 -8.34
C TYR A 41 4.24 11.63 -8.82
N ASN A 42 4.64 12.18 -9.96
CA ASN A 42 5.98 11.92 -10.46
C ASN A 42 6.51 13.18 -11.11
N SER A 43 7.83 13.26 -11.27
CA SER A 43 8.46 14.43 -11.85
C SER A 43 8.23 14.64 -13.35
N LYS A 44 7.55 13.69 -14.00
CA LYS A 44 7.27 13.82 -15.42
C LYS A 44 6.02 14.67 -15.65
N ASP A 45 4.90 14.21 -15.11
CA ASP A 45 3.63 14.93 -15.24
C ASP A 45 3.56 16.07 -14.24
N ARG A 46 4.21 15.90 -13.09
CA ARG A 46 4.24 16.93 -12.07
C ARG A 46 2.86 17.22 -11.46
N LYS A 47 1.98 16.23 -11.40
CA LYS A 47 0.65 16.44 -10.85
C LYS A 47 0.22 15.38 -9.83
N SER A 48 -0.29 15.82 -8.69
CA SER A 48 -0.76 14.89 -7.67
C SER A 48 -2.12 14.41 -8.15
N GLN A 49 -2.29 13.11 -8.30
CA GLN A 49 -3.54 12.58 -8.79
C GLN A 49 -4.14 11.53 -7.89
N PRO A 50 -5.45 11.65 -7.59
CA PRO A 50 -6.08 10.65 -6.73
C PRO A 50 -6.11 9.33 -7.49
N MET A 51 -6.27 8.23 -6.77
CA MET A 51 -6.31 6.92 -7.39
C MET A 51 -7.43 6.07 -6.83
N GLY A 52 -7.76 5.00 -7.55
CA GLY A 52 -8.80 4.10 -7.12
C GLY A 52 -10.13 4.79 -6.83
N LEU A 53 -10.78 4.36 -5.76
CA LEU A 53 -12.07 4.91 -5.38
C LEU A 53 -12.04 6.39 -5.01
N TRP A 54 -10.84 6.90 -4.71
CA TRP A 54 -10.71 8.30 -4.34
C TRP A 54 -10.87 9.21 -5.56
N ARG A 55 -10.90 8.61 -6.74
CA ARG A 55 -11.10 9.39 -7.96
C ARG A 55 -12.54 9.88 -8.00
N GLN A 56 -13.40 9.21 -7.24
CA GLN A 56 -14.82 9.56 -7.18
C GLN A 56 -15.13 10.42 -5.96
N VAL A 57 -14.15 10.63 -5.10
CA VAL A 57 -14.35 11.42 -3.88
C VAL A 57 -14.10 12.91 -4.14
N GLU A 58 -15.04 13.73 -3.70
CA GLU A 58 -14.92 15.17 -3.90
C GLU A 58 -14.74 15.94 -2.59
N GLY A 59 -13.88 16.95 -2.63
CA GLY A 59 -13.65 17.77 -1.45
C GLY A 59 -12.72 17.26 -0.37
N MET A 60 -12.14 16.07 -0.55
CA MET A 60 -11.24 15.55 0.45
C MET A 60 -9.89 16.24 0.37
N GLU A 61 -9.46 16.54 -0.85
CA GLU A 61 -8.18 17.20 -1.04
C GLU A 61 -8.20 18.03 -2.31
N ASP A 62 -7.44 19.13 -2.30
CA ASP A 62 -7.35 19.99 -3.47
C ASP A 62 -6.09 19.56 -4.21
N TRP A 63 -6.24 18.63 -5.14
CA TRP A 63 -5.11 18.10 -5.88
C TRP A 63 -4.24 19.11 -6.62
N LYS A 64 -4.84 20.20 -7.07
CA LYS A 64 -4.04 21.20 -7.79
C LYS A 64 -3.05 21.85 -6.81
N GLN A 65 -3.48 22.06 -5.58
CA GLN A 65 -2.60 22.66 -4.60
C GLN A 65 -1.63 21.61 -4.07
N ASP A 66 -2.07 20.36 -4.00
CA ASP A 66 -1.16 19.32 -3.52
C ASP A 66 -0.04 19.15 -4.54
N SER A 67 -0.34 19.39 -5.81
CA SER A 67 0.65 19.28 -6.86
C SER A 67 1.79 20.25 -6.57
N GLN A 68 1.42 21.44 -6.09
CA GLN A 68 2.42 22.44 -5.77
C GLN A 68 3.27 22.02 -4.58
N LEU A 69 2.64 21.41 -3.59
CA LEU A 69 3.37 20.94 -2.42
C LEU A 69 4.37 19.84 -2.85
N GLN A 70 3.90 18.84 -3.58
CA GLN A 70 4.76 17.75 -4.04
C GLN A 70 5.95 18.25 -4.84
N LYS A 71 5.77 19.33 -5.61
CA LYS A 71 6.87 19.89 -6.38
C LYS A 71 7.92 20.43 -5.42
N ALA A 72 7.46 21.03 -4.34
CA ALA A 72 8.36 21.58 -3.34
C ALA A 72 9.04 20.42 -2.62
N ARG A 73 8.27 19.38 -2.30
CA ARG A 73 8.83 18.20 -1.63
C ARG A 73 9.89 17.59 -2.55
N GLU A 74 9.52 17.43 -3.82
CA GLU A 74 10.41 16.86 -4.83
C GLU A 74 11.75 17.59 -4.86
N ASP A 75 11.70 18.92 -4.95
CA ASP A 75 12.93 19.72 -5.00
C ASP A 75 13.86 19.48 -3.83
N ILE A 76 13.32 19.45 -2.62
CA ILE A 76 14.16 19.22 -1.44
C ILE A 76 14.66 17.77 -1.40
N PHE A 77 13.80 16.83 -1.75
CA PHE A 77 14.17 15.41 -1.75
C PHE A 77 15.34 15.16 -2.70
N MET A 78 15.23 15.65 -3.93
CA MET A 78 16.30 15.42 -4.91
C MET A 78 17.60 16.14 -4.55
N GLU A 79 17.48 17.30 -3.91
CA GLU A 79 18.67 18.05 -3.52
C GLU A 79 19.40 17.22 -2.46
N THR A 80 18.62 16.57 -1.59
CA THR A 80 19.21 15.73 -0.55
C THR A 80 19.99 14.60 -1.22
N LEU A 81 19.39 13.98 -2.22
CA LEU A 81 20.04 12.89 -2.96
C LEU A 81 21.29 13.43 -3.64
N LYS A 82 21.16 14.60 -4.26
CA LYS A 82 22.27 15.23 -4.95
C LYS A 82 23.44 15.45 -3.99
N ASP A 83 23.17 15.92 -2.78
CA ASP A 83 24.23 16.16 -1.79
C ASP A 83 24.92 14.86 -1.37
N ILE A 84 24.14 13.78 -1.22
CA ILE A 84 24.73 12.50 -0.84
C ILE A 84 25.69 12.05 -1.93
N VAL A 85 25.22 12.05 -3.18
CA VAL A 85 26.06 11.63 -4.29
C VAL A 85 27.32 12.49 -4.36
N GLU A 86 27.18 13.79 -4.10
CA GLU A 86 28.32 14.70 -4.13
C GLU A 86 29.33 14.30 -3.07
N TYR A 87 28.84 14.01 -1.87
CA TYR A 87 29.70 13.61 -0.76
C TYR A 87 30.54 12.38 -1.11
N TYR A 88 29.97 11.42 -1.82
CA TYR A 88 30.72 10.23 -2.18
C TYR A 88 31.46 10.37 -3.50
N LYS A 89 31.36 11.54 -4.12
CA LYS A 89 32.04 11.81 -5.38
C LYS A 89 31.74 10.73 -6.41
N ASP A 90 30.47 10.45 -6.64
CA ASP A 90 30.12 9.42 -7.61
C ASP A 90 28.87 9.73 -8.44
N SER A 91 28.87 10.90 -9.07
CA SER A 91 27.75 11.32 -9.91
C SER A 91 27.66 10.49 -11.18
N THR A 92 28.75 9.85 -11.58
CA THR A 92 28.74 9.02 -12.78
C THR A 92 27.96 7.73 -12.52
N GLY A 93 27.74 7.43 -11.24
CA GLY A 93 27.01 6.24 -10.87
C GLY A 93 25.51 6.49 -10.83
N SER A 94 24.74 5.42 -10.68
CA SER A 94 23.29 5.52 -10.61
C SER A 94 22.88 5.21 -9.17
N HIS A 95 22.38 6.20 -8.45
CA HIS A 95 21.99 6.00 -7.05
C HIS A 95 20.52 6.25 -6.78
N VAL A 96 20.05 5.77 -5.63
CA VAL A 96 18.65 5.94 -5.27
C VAL A 96 18.45 6.35 -3.81
N LEU A 97 17.42 7.15 -3.58
CA LEU A 97 17.07 7.61 -2.24
C LEU A 97 15.58 7.30 -2.11
N GLN A 98 15.20 6.64 -1.03
CA GLN A 98 13.80 6.33 -0.79
C GLN A 98 13.46 6.87 0.59
N GLY A 99 12.27 7.43 0.72
CA GLY A 99 11.85 7.98 1.99
C GLY A 99 10.45 7.50 2.31
N ARG A 100 10.23 7.17 3.57
CA ARG A 100 8.94 6.68 4.00
C ARG A 100 8.51 7.50 5.22
N PHE A 101 7.28 7.97 5.22
CA PHE A 101 6.80 8.75 6.36
C PHE A 101 5.28 8.69 6.45
N GLY A 102 4.77 8.80 7.67
CA GLY A 102 3.34 8.73 7.87
C GLY A 102 3.02 8.52 9.33
N CYS A 103 1.78 8.17 9.61
CA CYS A 103 1.37 7.96 10.99
C CYS A 103 0.19 7.02 11.04
N GLU A 104 -0.23 6.67 12.24
CA GLU A 104 -1.37 5.78 12.39
C GLU A 104 -2.18 6.13 13.63
N ILE A 105 -3.46 5.75 13.60
CA ILE A 105 -4.33 5.97 14.74
C ILE A 105 -5.05 4.66 15.01
N GLU A 106 -5.48 4.48 16.25
CA GLU A 106 -6.20 3.29 16.67
C GLU A 106 -7.14 3.78 17.75
N ASN A 107 -8.43 3.53 17.58
CA ASN A 107 -9.43 3.96 18.55
C ASN A 107 -9.40 5.48 18.65
N ASN A 108 -9.25 6.14 17.51
CA ASN A 108 -9.19 7.60 17.44
C ASN A 108 -7.97 8.18 18.17
N ARG A 109 -7.03 7.31 18.54
CA ARG A 109 -5.83 7.77 19.24
C ARG A 109 -4.55 7.55 18.41
N SER A 110 -3.72 8.58 18.29
CA SER A 110 -2.46 8.45 17.56
C SER A 110 -1.75 7.26 18.18
N SER A 111 -1.36 6.30 17.36
CA SER A 111 -0.69 5.11 17.87
C SER A 111 0.66 4.85 17.23
N GLY A 112 1.11 5.73 16.34
CA GLY A 112 2.39 5.53 15.70
C GLY A 112 2.72 6.57 14.66
N ALA A 113 4.02 6.72 14.38
CA ALA A 113 4.50 7.68 13.38
C ALA A 113 5.91 7.29 12.99
N PHE A 114 6.32 7.63 11.78
CA PHE A 114 7.65 7.27 11.33
C PHE A 114 8.10 8.19 10.22
N TRP A 115 9.41 8.29 10.03
CA TRP A 115 9.98 9.16 9.02
C TRP A 115 11.40 8.65 8.88
N LYS A 116 11.69 7.93 7.79
CA LYS A 116 13.01 7.37 7.59
C LYS A 116 13.41 7.36 6.12
N TYR A 117 14.71 7.51 5.86
CA TYR A 117 15.22 7.51 4.50
C TYR A 117 16.22 6.39 4.32
N TYR A 118 16.32 5.89 3.08
CA TYR A 118 17.22 4.80 2.72
C TYR A 118 18.00 5.23 1.48
N TYR A 119 19.32 5.04 1.50
CA TYR A 119 20.18 5.41 0.38
C TYR A 119 20.78 4.14 -0.18
N ASP A 120 20.54 3.90 -1.47
CA ASP A 120 21.00 2.68 -2.12
C ASP A 120 20.60 1.44 -1.30
N GLY A 121 19.39 1.48 -0.76
CA GLY A 121 18.90 0.36 0.02
C GLY A 121 19.29 0.29 1.49
N LYS A 122 20.26 1.09 1.92
CA LYS A 122 20.72 1.09 3.31
C LYS A 122 20.07 2.20 4.15
N ASP A 123 19.88 1.95 5.44
CA ASP A 123 19.31 2.96 6.32
C ASP A 123 20.18 4.21 6.20
N TYR A 124 19.55 5.37 6.00
CA TYR A 124 20.30 6.62 5.87
C TYR A 124 20.13 7.57 7.06
N ILE A 125 18.89 7.93 7.37
CA ILE A 125 18.60 8.86 8.47
C ILE A 125 17.14 8.68 8.84
N GLU A 126 16.78 8.91 10.11
CA GLU A 126 15.39 8.79 10.54
C GLU A 126 15.12 9.81 11.66
N PHE A 127 13.87 10.20 11.81
CA PHE A 127 13.53 11.17 12.85
C PHE A 127 13.00 10.49 14.11
N ASN A 128 13.56 10.86 15.25
CA ASN A 128 13.10 10.33 16.52
C ASN A 128 12.44 11.55 17.17
N LYS A 129 11.12 11.59 17.15
CA LYS A 129 10.37 12.72 17.69
C LYS A 129 10.42 12.89 19.21
N GLU A 130 10.87 11.86 19.92
CA GLU A 130 10.96 11.95 21.38
C GLU A 130 12.15 12.81 21.81
N ILE A 131 13.20 12.82 21.01
CA ILE A 131 14.39 13.58 21.40
C ILE A 131 14.19 15.10 21.50
N PRO A 132 13.75 15.78 20.43
CA PRO A 132 13.38 15.34 19.09
C PRO A 132 14.58 15.65 18.21
N ALA A 133 14.90 14.77 17.28
CA ALA A 133 16.06 15.00 16.41
C ALA A 133 16.21 13.89 15.38
N TRP A 134 16.99 14.17 14.35
CA TRP A 134 17.29 13.20 13.32
C TRP A 134 18.42 12.33 13.85
N VAL A 135 18.42 11.08 13.39
CA VAL A 135 19.41 10.09 13.80
C VAL A 135 20.11 9.66 12.53
N PRO A 136 21.41 9.95 12.39
CA PRO A 136 22.15 9.55 11.19
C PRO A 136 22.67 8.12 11.27
N PHE A 137 22.63 7.41 10.15
CA PHE A 137 23.11 6.03 10.11
C PHE A 137 24.26 5.92 9.11
N ASP A 138 24.27 6.79 8.11
CA ASP A 138 25.31 6.80 7.09
C ASP A 138 26.17 8.01 7.37
N PRO A 139 27.47 7.94 7.08
CA PRO A 139 28.30 9.12 7.35
C PRO A 139 27.82 10.41 6.67
N ALA A 140 27.29 10.30 5.46
CA ALA A 140 26.80 11.49 4.77
C ALA A 140 25.57 12.06 5.48
N ALA A 141 24.86 11.20 6.20
CA ALA A 141 23.66 11.63 6.93
C ALA A 141 24.00 12.64 8.01
N GLN A 142 25.27 12.67 8.41
CA GLN A 142 25.71 13.61 9.43
C GLN A 142 25.59 15.02 8.88
N ILE A 143 25.88 15.18 7.59
CA ILE A 143 25.79 16.48 6.94
C ILE A 143 24.32 16.85 6.76
N THR A 144 23.53 15.89 6.32
CA THR A 144 22.10 16.09 6.12
C THR A 144 21.49 16.52 7.46
N LYS A 145 21.82 15.81 8.53
CA LYS A 145 21.31 16.14 9.85
C LYS A 145 21.64 17.60 10.18
N GLN A 146 22.90 17.97 9.98
CA GLN A 146 23.35 19.33 10.26
C GLN A 146 22.49 20.35 9.54
N LYS A 147 22.19 20.10 8.27
CA LYS A 147 21.35 21.03 7.50
C LYS A 147 19.90 21.03 7.96
N TRP A 148 19.38 19.86 8.30
CA TRP A 148 17.98 19.77 8.73
C TRP A 148 17.74 20.28 10.16
N GLU A 149 18.81 20.66 10.85
CA GLU A 149 18.68 21.16 12.22
C GLU A 149 19.45 22.48 12.37
N ALA A 150 19.64 23.18 11.26
CA ALA A 150 20.38 24.44 11.25
C ALA A 150 19.73 25.51 12.11
N GLU A 151 18.40 25.48 12.21
CA GLU A 151 17.66 26.44 13.02
C GLU A 151 16.82 25.63 13.99
N PRO A 152 16.67 26.11 15.24
CA PRO A 152 15.89 25.43 16.27
C PRO A 152 14.50 24.97 15.84
N VAL A 153 13.81 25.76 15.04
CA VAL A 153 12.47 25.39 14.61
C VAL A 153 12.35 24.18 13.70
N TYR A 154 13.42 23.86 12.97
CA TYR A 154 13.33 22.71 12.06
C TYR A 154 12.89 21.43 12.76
N VAL A 155 13.51 21.08 13.88
CA VAL A 155 13.11 19.86 14.57
C VAL A 155 11.72 20.01 15.17
N GLN A 156 11.35 21.24 15.52
CA GLN A 156 10.03 21.49 16.09
C GLN A 156 8.97 21.22 15.01
N ARG A 157 9.26 21.67 13.79
CA ARG A 157 8.36 21.45 12.66
C ARG A 157 8.22 19.96 12.34
N ALA A 158 9.35 19.25 12.36
CA ALA A 158 9.34 17.82 12.08
C ALA A 158 8.51 17.08 13.12
N LYS A 159 8.69 17.44 14.38
CA LYS A 159 7.92 16.79 15.43
C LYS A 159 6.43 17.12 15.24
N ALA A 160 6.13 18.37 14.92
CA ALA A 160 4.74 18.80 14.72
C ALA A 160 4.08 18.10 13.51
N TYR A 161 4.86 17.84 12.48
CA TYR A 161 4.31 17.15 11.32
C TYR A 161 3.83 15.75 11.71
N LEU A 162 4.69 15.01 12.40
CA LEU A 162 4.36 13.65 12.82
C LEU A 162 3.29 13.55 13.92
N GLU A 163 3.29 14.52 14.83
CA GLU A 163 2.36 14.52 15.95
C GLU A 163 1.07 15.31 15.78
N GLU A 164 1.09 16.33 14.93
CA GLU A 164 -0.09 17.14 14.75
C GLU A 164 -0.66 17.12 13.33
N GLU A 165 0.14 17.55 12.37
CA GLU A 165 -0.28 17.64 10.98
C GLU A 165 -0.68 16.32 10.32
N CYS A 166 0.22 15.34 10.33
CA CYS A 166 -0.07 14.07 9.69
C CYS A 166 -1.35 13.44 10.25
N PRO A 167 -1.46 13.27 11.58
CA PRO A 167 -2.70 12.68 12.09
C PRO A 167 -3.96 13.50 11.79
N ALA A 168 -3.82 14.82 11.65
CA ALA A 168 -4.97 15.66 11.33
C ALA A 168 -5.38 15.39 9.88
N THR A 169 -4.38 15.17 9.03
CA THR A 169 -4.66 14.88 7.63
C THR A 169 -5.34 13.52 7.54
N LEU A 170 -4.88 12.57 8.35
CA LEU A 170 -5.48 11.24 8.35
C LEU A 170 -6.93 11.29 8.82
N ARG A 171 -7.19 12.01 9.91
CA ARG A 171 -8.55 12.13 10.43
C ARG A 171 -9.44 12.77 9.39
N LYS A 172 -8.94 13.79 8.70
CA LYS A 172 -9.71 14.44 7.67
C LYS A 172 -10.04 13.46 6.55
N TYR A 173 -9.02 12.79 6.01
CA TYR A 173 -9.23 11.83 4.94
C TYR A 173 -10.22 10.75 5.39
N LEU A 174 -10.18 10.39 6.66
CA LEU A 174 -11.09 9.37 7.17
C LEU A 174 -12.55 9.81 7.10
N LYS A 175 -12.78 11.12 7.18
CA LYS A 175 -14.14 11.64 7.12
C LYS A 175 -14.76 11.49 5.73
N TYR A 176 -13.90 11.45 4.71
CA TYR A 176 -14.34 11.31 3.33
C TYR A 176 -14.11 9.90 2.80
N SER A 177 -13.50 9.04 3.61
CA SER A 177 -13.18 7.69 3.17
C SER A 177 -13.96 6.58 3.85
N LYS A 178 -14.98 6.95 4.61
CA LYS A 178 -15.80 5.97 5.31
C LYS A 178 -16.35 4.88 4.38
N ASN A 179 -16.94 5.29 3.26
CA ASN A 179 -17.50 4.33 2.31
C ASN A 179 -16.42 3.59 1.54
N ILE A 180 -15.17 3.78 1.92
CA ILE A 180 -14.07 3.11 1.23
C ILE A 180 -13.30 2.18 2.17
N LEU A 181 -12.82 2.71 3.28
CA LEU A 181 -12.04 1.93 4.22
C LEU A 181 -12.86 1.07 5.17
N ASP A 182 -14.08 1.48 5.46
CA ASP A 182 -14.92 0.73 6.38
C ASP A 182 -15.91 -0.22 5.71
N ARG A 183 -15.85 -0.32 4.39
CA ARG A 183 -16.75 -1.21 3.66
C ARG A 183 -16.63 -2.64 4.13
N GLN A 184 -17.74 -3.37 3.97
CA GLN A 184 -17.84 -4.78 4.27
C GLN A 184 -18.57 -5.33 3.05
N ASP A 185 -17.86 -5.35 1.91
CA ASP A 185 -18.43 -5.83 0.65
C ASP A 185 -18.40 -7.35 0.56
N PRO A 186 -19.58 -7.98 0.55
CA PRO A 186 -19.66 -9.44 0.47
C PRO A 186 -19.13 -9.96 -0.87
N PRO A 187 -18.50 -11.14 -0.85
CA PRO A 187 -17.96 -11.69 -2.09
C PRO A 187 -18.97 -12.41 -2.96
N SER A 188 -18.76 -12.30 -4.26
CA SER A 188 -19.58 -13.01 -5.24
C SER A 188 -18.71 -14.23 -5.48
N VAL A 189 -19.34 -15.37 -5.73
CA VAL A 189 -18.59 -16.58 -5.97
C VAL A 189 -18.98 -17.24 -7.28
N VAL A 190 -18.02 -17.89 -7.93
CA VAL A 190 -18.29 -18.58 -9.19
C VAL A 190 -17.41 -19.83 -9.25
N VAL A 191 -18.05 -20.99 -9.33
CA VAL A 191 -17.33 -22.25 -9.41
C VAL A 191 -17.25 -22.63 -10.88
N THR A 192 -16.09 -23.08 -11.30
CA THR A 192 -15.90 -23.47 -12.69
C THR A 192 -14.94 -24.66 -12.78
N SER A 193 -15.05 -25.41 -13.86
CA SER A 193 -14.19 -26.58 -14.05
C SER A 193 -13.55 -26.52 -15.42
N HIS A 194 -12.41 -27.17 -15.55
CA HIS A 194 -11.70 -27.20 -16.82
C HIS A 194 -10.98 -28.53 -16.97
N GLN A 195 -11.03 -29.08 -18.18
CA GLN A 195 -10.39 -30.36 -18.46
C GLN A 195 -9.25 -30.18 -19.44
N ALA A 196 -8.04 -30.53 -19.00
CA ALA A 196 -6.86 -30.43 -19.85
C ALA A 196 -6.71 -31.73 -20.64
N PRO A 197 -6.46 -31.63 -21.95
CA PRO A 197 -6.31 -32.82 -22.78
C PRO A 197 -5.22 -33.75 -22.24
N GLY A 198 -5.65 -34.81 -21.54
CA GLY A 198 -4.70 -35.75 -20.98
C GLY A 198 -4.56 -35.60 -19.48
N GLU A 199 -4.97 -34.44 -18.96
CA GLU A 199 -4.89 -34.18 -17.52
C GLU A 199 -6.25 -34.32 -16.85
N LYS A 200 -6.24 -34.44 -15.52
CA LYS A 200 -7.47 -34.57 -14.75
C LYS A 200 -8.32 -33.31 -14.83
N LYS A 201 -9.56 -33.40 -14.36
CA LYS A 201 -10.46 -32.26 -14.37
C LYS A 201 -10.11 -31.41 -13.15
N LYS A 202 -10.17 -30.09 -13.32
CA LYS A 202 -9.85 -29.18 -12.22
C LYS A 202 -11.00 -28.25 -11.89
N LEU A 203 -11.34 -28.20 -10.60
CA LEU A 203 -12.43 -27.35 -10.13
C LEU A 203 -11.86 -26.09 -9.51
N LYS A 204 -12.29 -24.94 -10.04
CA LYS A 204 -11.83 -23.65 -9.56
C LYS A 204 -12.94 -22.84 -8.90
N CYS A 205 -12.70 -22.43 -7.66
CA CYS A 205 -13.64 -21.61 -6.92
C CYS A 205 -13.10 -20.20 -6.80
N LEU A 206 -13.84 -19.24 -7.34
CA LEU A 206 -13.41 -17.85 -7.30
C LEU A 206 -14.34 -16.93 -6.51
N ALA A 207 -13.77 -16.22 -5.54
CA ALA A 207 -14.52 -15.26 -4.75
C ALA A 207 -13.99 -13.90 -5.20
N TYR A 208 -14.87 -13.00 -5.60
CA TYR A 208 -14.45 -11.68 -6.08
C TYR A 208 -15.33 -10.54 -5.59
N ASP A 209 -14.87 -9.32 -5.85
CA ASP A 209 -15.55 -8.09 -5.46
C ASP A 209 -15.75 -7.92 -3.95
N PHE A 210 -14.84 -8.48 -3.16
CA PHE A 210 -14.99 -8.35 -1.71
C PHE A 210 -13.96 -7.44 -1.04
N TYR A 211 -14.29 -7.01 0.17
CA TYR A 211 -13.43 -6.14 0.97
C TYR A 211 -13.97 -6.17 2.39
N PRO A 212 -13.08 -6.24 3.41
CA PRO A 212 -11.60 -6.29 3.37
C PRO A 212 -11.06 -7.58 2.73
N GLY A 213 -9.73 -7.66 2.63
CA GLY A 213 -9.07 -8.80 2.01
C GLY A 213 -9.08 -10.13 2.75
N LYS A 214 -9.10 -10.09 4.07
CA LYS A 214 -9.12 -11.32 4.86
C LYS A 214 -10.29 -12.19 4.41
N ILE A 215 -10.01 -13.45 4.07
CA ILE A 215 -11.08 -14.34 3.61
C ILE A 215 -10.67 -15.82 3.69
N ASP A 216 -11.67 -16.68 3.88
CA ASP A 216 -11.46 -18.13 3.95
C ASP A 216 -12.17 -18.79 2.78
N VAL A 217 -11.39 -19.30 1.83
CA VAL A 217 -11.94 -19.97 0.65
C VAL A 217 -11.40 -21.39 0.55
N HIS A 218 -12.28 -22.40 0.60
CA HIS A 218 -11.80 -23.77 0.49
C HIS A 218 -12.81 -24.75 -0.11
N TRP A 219 -12.29 -25.79 -0.75
CA TRP A 219 -13.11 -26.83 -1.36
C TRP A 219 -13.34 -27.95 -0.37
N THR A 220 -14.37 -28.76 -0.64
CA THR A 220 -14.70 -29.91 0.17
C THR A 220 -15.07 -31.04 -0.77
N ARG A 221 -14.77 -32.26 -0.35
CA ARG A 221 -15.06 -33.45 -1.14
C ARG A 221 -15.76 -34.40 -0.18
N ALA A 222 -17.08 -34.50 -0.31
CA ALA A 222 -17.88 -35.35 0.56
C ALA A 222 -17.83 -34.79 1.98
N GLY A 223 -17.92 -33.47 2.09
CA GLY A 223 -17.88 -32.83 3.40
C GLY A 223 -16.50 -32.79 4.01
N GLU A 224 -15.51 -33.26 3.25
CA GLU A 224 -14.13 -33.28 3.70
C GLU A 224 -13.32 -32.17 3.04
N VAL A 225 -12.77 -31.27 3.87
CA VAL A 225 -11.96 -30.18 3.34
C VAL A 225 -10.80 -30.76 2.54
N GLN A 226 -10.60 -30.24 1.33
CA GLN A 226 -9.53 -30.73 0.47
C GLN A 226 -8.32 -29.82 0.48
N GLU A 227 -7.20 -30.37 -0.01
CA GLU A 227 -5.94 -29.63 -0.09
C GLU A 227 -5.89 -29.05 -1.50
N PRO A 228 -5.84 -27.71 -1.60
CA PRO A 228 -5.79 -27.08 -2.93
C PRO A 228 -4.53 -27.39 -3.73
N GLU A 229 -4.71 -27.54 -5.03
CA GLU A 229 -3.61 -27.83 -5.95
C GLU A 229 -2.97 -26.51 -6.38
N LEU A 230 -3.77 -25.45 -6.37
CA LEU A 230 -3.30 -24.13 -6.75
C LEU A 230 -4.13 -23.09 -6.02
N ARG A 231 -3.48 -22.06 -5.52
CA ARG A 231 -4.19 -21.01 -4.78
C ARG A 231 -3.63 -19.64 -5.14
N GLY A 232 -4.44 -18.60 -4.93
CA GLY A 232 -3.98 -17.26 -5.23
C GLY A 232 -5.01 -16.20 -4.90
N ASP A 233 -4.59 -14.94 -4.96
CA ASP A 233 -5.48 -13.82 -4.69
C ASP A 233 -4.87 -12.54 -5.25
N VAL A 234 -5.64 -11.46 -5.20
CA VAL A 234 -5.19 -10.20 -5.73
C VAL A 234 -6.05 -9.06 -5.21
N LEU A 235 -5.53 -7.85 -5.32
CA LEU A 235 -6.24 -6.65 -4.92
C LEU A 235 -6.22 -5.73 -6.12
N HIS A 236 -7.40 -5.29 -6.53
CA HIS A 236 -7.51 -4.37 -7.65
C HIS A 236 -7.70 -3.02 -7.01
N ASN A 237 -6.68 -2.16 -7.10
CA ASN A 237 -6.73 -0.86 -6.48
C ASN A 237 -7.72 0.11 -7.11
N GLY A 238 -7.90 0.01 -8.43
CA GLY A 238 -8.81 0.92 -9.10
C GLY A 238 -10.20 0.83 -8.49
N ASN A 239 -10.54 -0.40 -8.13
CA ASN A 239 -11.83 -0.80 -7.55
C ASN A 239 -11.86 -0.89 -6.03
N GLY A 240 -10.72 -1.18 -5.43
CA GLY A 240 -10.68 -1.34 -3.99
C GLY A 240 -11.29 -2.67 -3.62
N THR A 241 -11.19 -3.65 -4.52
CA THR A 241 -11.76 -4.97 -4.25
C THR A 241 -10.74 -6.10 -4.40
N TYR A 242 -11.00 -7.18 -3.69
CA TYR A 242 -10.13 -8.35 -3.75
C TYR A 242 -10.80 -9.49 -4.51
N GLN A 243 -9.99 -10.49 -4.84
CA GLN A 243 -10.43 -11.69 -5.52
C GLN A 243 -9.52 -12.75 -4.94
N SER A 244 -10.07 -13.93 -4.67
CA SER A 244 -9.29 -15.02 -4.10
C SER A 244 -9.81 -16.32 -4.68
N TRP A 245 -8.91 -17.16 -5.18
CA TRP A 245 -9.31 -18.43 -5.78
C TRP A 245 -8.55 -19.64 -5.25
N VAL A 246 -9.19 -20.80 -5.38
CA VAL A 246 -8.63 -22.06 -4.94
C VAL A 246 -8.97 -23.10 -6.01
N VAL A 247 -8.01 -23.95 -6.34
CA VAL A 247 -8.22 -24.98 -7.36
C VAL A 247 -7.89 -26.37 -6.86
N VAL A 248 -8.68 -27.34 -7.28
CA VAL A 248 -8.47 -28.74 -6.91
C VAL A 248 -8.63 -29.63 -8.14
N ALA A 249 -7.87 -30.71 -8.16
CA ALA A 249 -7.93 -31.67 -9.26
C ALA A 249 -8.80 -32.83 -8.79
N VAL A 250 -9.65 -33.34 -9.68
CA VAL A 250 -10.52 -34.43 -9.32
C VAL A 250 -10.27 -35.70 -10.14
N PRO A 251 -10.08 -36.84 -9.46
CA PRO A 251 -9.82 -38.12 -10.13
C PRO A 251 -10.85 -38.35 -11.23
N PRO A 252 -10.41 -38.81 -12.41
CA PRO A 252 -11.31 -39.07 -13.54
C PRO A 252 -12.45 -40.04 -13.25
N GLN A 253 -12.38 -40.74 -12.12
CA GLN A 253 -13.42 -41.70 -11.76
C GLN A 253 -14.16 -41.28 -10.48
N ASP A 254 -13.79 -40.14 -9.92
CA ASP A 254 -14.42 -39.65 -8.71
C ASP A 254 -15.83 -39.15 -8.99
N THR A 255 -16.77 -39.52 -8.13
CA THR A 255 -18.16 -39.11 -8.28
C THR A 255 -18.62 -38.29 -7.07
N ALA A 256 -17.81 -38.30 -6.02
CA ALA A 256 -18.12 -37.57 -4.79
C ALA A 256 -18.59 -36.14 -5.08
N PRO A 257 -19.34 -35.55 -4.14
CA PRO A 257 -19.85 -34.18 -4.28
C PRO A 257 -18.83 -33.11 -3.90
N TYR A 258 -18.60 -32.17 -4.81
CA TYR A 258 -17.66 -31.07 -4.55
C TYR A 258 -18.41 -29.75 -4.35
N SER A 259 -18.06 -29.05 -3.28
CA SER A 259 -18.67 -27.77 -2.97
C SER A 259 -17.67 -26.77 -2.44
N CYS A 260 -17.79 -25.52 -2.88
CA CYS A 260 -16.89 -24.47 -2.42
C CYS A 260 -17.44 -23.82 -1.16
N HIS A 261 -16.53 -23.44 -0.26
CA HIS A 261 -16.93 -22.80 0.99
C HIS A 261 -16.25 -21.45 1.13
N VAL A 262 -17.05 -20.43 1.41
CA VAL A 262 -16.53 -19.08 1.57
C VAL A 262 -17.02 -18.45 2.85
N GLN A 263 -16.07 -18.03 3.69
CA GLN A 263 -16.40 -17.36 4.93
C GLN A 263 -15.72 -16.01 4.86
N HIS A 264 -16.44 -14.96 5.26
CA HIS A 264 -15.90 -13.61 5.22
C HIS A 264 -16.54 -12.76 6.31
N SER A 265 -15.81 -11.75 6.76
CA SER A 265 -16.27 -10.87 7.81
C SER A 265 -17.61 -10.18 7.49
N SER A 266 -17.92 -10.02 6.20
CA SER A 266 -19.15 -9.36 5.78
C SER A 266 -20.36 -10.31 5.72
N LEU A 267 -20.12 -11.59 5.88
CA LEU A 267 -21.19 -12.59 5.81
C LEU A 267 -21.73 -12.99 7.17
N ALA A 268 -23.06 -13.04 7.27
CA ALA A 268 -23.72 -13.42 8.53
C ALA A 268 -23.29 -14.85 8.86
N GLN A 269 -23.15 -15.67 7.83
CA GLN A 269 -22.72 -17.05 7.98
C GLN A 269 -22.03 -17.45 6.68
N PRO A 270 -21.23 -18.52 6.70
CA PRO A 270 -20.53 -18.95 5.50
C PRO A 270 -21.46 -19.35 4.35
N LEU A 271 -20.93 -19.25 3.13
CA LEU A 271 -21.67 -19.61 1.93
C LEU A 271 -21.11 -20.91 1.38
N VAL A 272 -21.96 -21.68 0.71
CA VAL A 272 -21.55 -22.93 0.11
C VAL A 272 -22.02 -22.91 -1.33
N VAL A 273 -21.16 -23.37 -2.24
CA VAL A 273 -21.51 -23.40 -3.65
C VAL A 273 -21.08 -24.72 -4.26
N PRO A 274 -21.99 -25.72 -4.25
CA PRO A 274 -21.65 -27.03 -4.82
C PRO A 274 -21.43 -26.94 -6.32
N TRP A 275 -20.66 -27.88 -6.86
CA TRP A 275 -20.39 -27.91 -8.28
C TRP A 275 -21.24 -28.99 -8.92
N GLU A 276 -22.01 -28.61 -9.94
CA GLU A 276 -22.88 -29.55 -10.63
C GLU A 276 -22.28 -30.04 -11.95
N ALA A 277 -21.71 -31.23 -11.92
CA ALA A 277 -21.09 -31.82 -13.10
C ALA A 277 -22.14 -32.03 -14.19
C1 NAG B . -13.21 -4.18 -10.20
C2 NAG B . -14.44 -4.84 -10.84
C3 NAG B . -14.15 -6.22 -11.44
C4 NAG B . -12.92 -6.14 -12.33
C5 NAG B . -11.75 -5.61 -11.51
C6 NAG B . -10.48 -5.51 -12.35
C7 NAG B . -16.35 -3.93 -9.67
C8 NAG B . -17.32 -4.07 -8.50
N2 NAG B . -15.50 -4.95 -9.85
O3 NAG B . -15.27 -6.65 -12.19
O4 NAG B . -12.60 -7.45 -12.85
O5 NAG B . -12.05 -4.27 -11.06
O6 NAG B . -10.67 -4.65 -13.47
O7 NAG B . -16.37 -2.94 -10.38
C1 NAG B . -12.73 -7.61 -14.22
C2 NAG B . -12.01 -8.89 -14.66
C3 NAG B . -12.31 -9.22 -16.14
C4 NAG B . -13.81 -9.19 -16.41
C5 NAG B . -14.39 -7.86 -15.94
C6 NAG B . -15.89 -7.78 -16.14
C7 NAG B . -9.86 -9.67 -13.92
C8 NAG B . -8.94 -10.48 -14.83
N2 NAG B . -10.57 -8.71 -14.48
O3 NAG B . -11.79 -10.50 -16.45
O4 NAG B . -14.05 -9.35 -17.81
O5 NAG B . -14.14 -7.70 -14.52
O6 NAG B . -16.60 -8.41 -15.07
O7 NAG B . -9.91 -9.92 -12.71
C1 NAG C . -12.04 11.47 17.77
C2 NAG C . -11.73 12.80 17.07
C3 NAG C . -12.69 13.89 17.57
C4 NAG C . -14.15 13.44 17.46
C5 NAG C . -14.31 12.08 18.16
C6 NAG C . -15.72 11.50 18.03
C7 NAG C . -10.07 13.96 18.38
C8 NAG C . -9.63 13.28 19.67
N2 NAG C . -10.36 13.19 17.34
O3 NAG C . -12.51 15.08 16.82
O4 NAG C . -15.00 14.41 18.06
O5 NAG C . -13.42 11.11 17.58
O6 NAG C . -15.70 10.10 18.20
O7 NAG C . -10.15 15.19 18.34
#